data_3MMG
#
_entry.id   3MMG
#
_cell.length_a   76.476
_cell.length_b   77.563
_cell.length_c   78.463
_cell.angle_alpha   90.00
_cell.angle_beta   90.00
_cell.angle_gamma   90.00
#
_symmetry.space_group_name_H-M   'P 21 21 21'
#
loop_
_entity.id
_entity.type
_entity.pdbx_description
1 polymer 'Nuclear inclusion protein A'
2 polymer 'Nuclear inclusion protein B fragment'
3 non-polymer 'FORMIC ACID'
4 water water
#
loop_
_entity_poly.entity_id
_entity_poly.type
_entity_poly.pdbx_seq_one_letter_code
_entity_poly.pdbx_strand_id
1 'polypeptide(L)'
;SKALLKGVRDFNPISACVCLLENSSDGHSERLFGIGFGPYIIANQHLFRRNNGELTIKTMHGEFAVANSTQLQMKPVEGR
DIIVIKMAKDFPPFPQKLKFRQPTIKDRVCMVSTNFQQKSVSSLVSESSHIVHKEDTSFWQHWITTKDGQAGSPLVSIID
GNILGIHSLTHTTNGSNYFVEFPEKFVATYLDAADGWCKNWKFNADKISWGSFTLVEDAPEDDFMAKKTVAAIMDDLVRT
Q
;
A,B
2 'polypeptide(L)' ETVRFQSD C,D
#
# COMPACT_ATOMS: atom_id res chain seq x y z
N SER A 1 -16.72 -10.91 1.45
CA SER A 1 -17.37 -10.70 2.79
C SER A 1 -16.36 -10.21 3.82
N LYS A 2 -16.86 -9.78 4.98
CA LYS A 2 -15.97 -9.43 6.08
C LYS A 2 -15.11 -10.63 6.45
N ALA A 3 -13.84 -10.34 6.78
CA ALA A 3 -12.89 -11.36 7.15
C ALA A 3 -11.84 -10.81 8.13
N LEU A 4 -10.99 -11.72 8.59
CA LEU A 4 -9.94 -11.43 9.55
C LEU A 4 -9.11 -10.18 9.21
N LEU A 5 -8.65 -10.11 7.96
CA LEU A 5 -7.73 -9.05 7.53
C LEU A 5 -8.48 -7.88 6.89
N LYS A 6 -7.95 -6.67 7.10
CA LYS A 6 -8.56 -5.45 6.61
C LYS A 6 -8.41 -5.36 5.09
N GLY A 7 -9.39 -4.72 4.47
CA GLY A 7 -9.43 -4.51 3.02
C GLY A 7 -8.52 -3.40 2.55
N VAL A 8 -8.67 -3.07 1.27
CA VAL A 8 -7.83 -2.01 0.65
C VAL A 8 -7.94 -0.64 1.37
N ARG A 9 -6.80 0.00 1.57
CA ARG A 9 -6.69 1.32 2.24
C ARG A 9 -5.81 2.24 1.43
N ASP A 10 -6.11 3.55 1.49
CA ASP A 10 -5.37 4.57 0.77
C ASP A 10 -4.34 5.20 1.69
N PHE A 11 -3.06 4.93 1.43
CA PHE A 11 -1.98 5.52 2.24
C PHE A 11 -1.30 6.70 1.53
N ASN A 12 -1.84 7.09 0.39
CA ASN A 12 -1.17 8.11 -0.40
C ASN A 12 -1.06 9.48 0.24
N PRO A 13 -2.10 9.93 0.96
CA PRO A 13 -1.93 11.21 1.65
C PRO A 13 -0.77 11.25 2.67
N ILE A 14 -0.52 10.12 3.33
CA ILE A 14 0.65 10.03 4.21
C ILE A 14 1.96 10.10 3.44
N SER A 15 2.08 9.27 2.40
N SER A 15 2.10 9.27 2.39
CA SER A 15 3.24 9.26 1.52
CA SER A 15 3.29 9.31 1.54
C SER A 15 3.57 10.64 0.95
C SER A 15 3.59 10.69 1.01
N ALA A 16 2.53 11.43 0.67
CA ALA A 16 2.72 12.78 0.11
C ALA A 16 3.43 13.73 1.08
N CYS A 17 3.39 13.42 2.38
CA CYS A 17 4.02 14.22 3.44
C CYS A 17 5.34 13.64 3.94
N VAL A 18 5.75 12.49 3.42
CA VAL A 18 6.99 11.91 3.84
C VAL A 18 8.14 12.62 3.13
N CYS A 19 9.20 12.91 3.88
N CYS A 19 9.23 12.90 3.84
CA CYS A 19 10.40 13.61 3.38
CA CYS A 19 10.35 13.59 3.21
C CYS A 19 11.63 12.72 3.49
C CYS A 19 11.68 12.92 3.59
N LEU A 20 12.65 13.03 2.70
CA LEU A 20 13.98 12.46 2.94
C LEU A 20 14.81 13.49 3.70
N LEU A 21 15.47 13.05 4.76
CA LEU A 21 16.31 13.93 5.56
C LEU A 21 17.77 13.48 5.48
N GLU A 22 18.65 14.39 5.08
CA GLU A 22 20.08 14.08 5.01
C GLU A 22 20.79 15.09 5.88
N ASN A 23 21.50 14.61 6.88
CA ASN A 23 22.28 15.46 7.76
C ASN A 23 23.73 15.12 7.49
N SER A 24 24.41 16.00 6.74
CA SER A 24 25.74 15.73 6.18
C SER A 24 26.83 16.45 6.94
N SER A 25 27.87 15.70 7.32
CA SER A 25 29.03 16.27 7.98
C SER A 25 30.29 15.66 7.38
N ASP A 26 31.46 16.21 7.73
CA ASP A 26 32.73 15.68 7.25
C ASP A 26 32.88 14.21 7.66
N GLY A 27 32.86 13.30 6.69
CA GLY A 27 33.00 11.86 6.96
C GLY A 27 31.80 11.10 7.51
N HIS A 28 30.63 11.75 7.55
CA HIS A 28 29.41 11.04 7.97
C HIS A 28 28.15 11.69 7.42
N SER A 29 27.23 10.87 6.90
CA SER A 29 25.93 11.35 6.45
C SER A 29 24.83 10.57 7.16
N GLU A 30 23.98 11.26 7.92
CA GLU A 30 22.80 10.63 8.56
C GLU A 30 21.66 10.72 7.54
N ARG A 31 21.12 9.58 7.10
CA ARG A 31 20.03 9.59 6.13
C ARG A 31 18.80 8.91 6.74
N LEU A 32 17.76 9.70 6.98
CA LEU A 32 16.52 9.21 7.60
C LEU A 32 15.31 9.74 6.80
N PHE A 33 14.12 9.38 7.27
CA PHE A 33 12.87 9.96 6.75
C PHE A 33 12.28 10.88 7.79
N GLY A 34 11.39 11.77 7.33
CA GLY A 34 10.61 12.62 8.22
C GLY A 34 9.18 12.77 7.72
N ILE A 35 8.37 13.45 8.52
CA ILE A 35 6.98 13.75 8.17
C ILE A 35 6.76 15.26 8.16
N GLY A 36 6.34 15.83 7.04
CA GLY A 36 6.00 17.25 6.99
C GLY A 36 4.57 17.53 7.45
N PHE A 37 4.38 18.67 8.11
CA PHE A 37 3.08 19.09 8.58
C PHE A 37 3.13 20.61 8.76
N GLY A 38 2.43 21.35 7.92
CA GLY A 38 2.59 22.80 7.90
C GLY A 38 4.05 23.17 7.71
N PRO A 39 4.57 24.12 8.51
CA PRO A 39 5.96 24.54 8.43
C PRO A 39 6.92 23.64 9.22
N TYR A 40 6.42 22.51 9.70
CA TYR A 40 7.16 21.64 10.61
C TYR A 40 7.61 20.35 9.93
N ILE A 41 8.78 19.89 10.35
CA ILE A 41 9.29 18.55 10.01
C ILE A 41 9.39 17.75 11.29
N ILE A 42 8.75 16.58 11.29
CA ILE A 42 8.76 15.69 12.46
C ILE A 42 9.79 14.63 12.15
N ALA A 43 10.73 14.41 13.06
CA ALA A 43 11.80 13.47 12.80
C ALA A 43 12.21 12.76 14.08
N ASN A 44 13.12 11.79 13.97
CA ASN A 44 13.75 11.22 15.17
C ASN A 44 14.70 12.23 15.80
N GLN A 45 14.75 12.29 17.14
CA GLN A 45 15.86 13.04 17.79
C GLN A 45 17.25 12.61 17.33
N HIS A 46 17.42 11.33 17.07
CA HIS A 46 18.73 10.80 16.69
C HIS A 46 19.26 11.24 15.33
N LEU A 47 18.41 11.92 14.55
CA LEU A 47 18.87 12.63 13.36
C LEU A 47 19.98 13.62 13.73
N PHE A 48 19.96 14.15 14.94
CA PHE A 48 20.93 15.17 15.36
C PHE A 48 21.95 14.66 16.38
N ARG A 49 22.20 13.35 16.36
CA ARG A 49 23.26 12.75 17.17
C ARG A 49 24.57 13.50 17.03
N ARG A 50 24.92 13.84 15.80
CA ARG A 50 26.12 14.60 15.51
C ARG A 50 25.75 16.07 15.34
N ASN A 51 26.47 16.93 16.05
CA ASN A 51 26.26 18.37 15.97
C ASN A 51 26.71 19.00 14.65
N ASN A 52 26.03 20.09 14.26
CA ASN A 52 26.43 20.95 13.12
C ASN A 52 26.48 20.28 11.75
N GLY A 53 25.56 19.34 11.50
CA GLY A 53 25.45 18.81 10.14
C GLY A 53 24.65 19.78 9.28
N GLU A 54 24.90 19.76 7.97
CA GLU A 54 24.08 20.52 7.01
C GLU A 54 22.89 19.65 6.61
N LEU A 55 21.69 20.19 6.79
CA LEU A 55 20.48 19.40 6.64
C LEU A 55 19.84 19.70 5.30
N THR A 56 19.55 18.65 4.54
CA THR A 56 18.83 18.79 3.26
C THR A 56 17.54 18.01 3.39
N ILE A 57 16.43 18.61 2.97
CA ILE A 57 15.12 18.01 3.11
C ILE A 57 14.52 17.85 1.71
N LYS A 58 14.30 16.61 1.29
CA LYS A 58 13.68 16.36 -0.01
C LYS A 58 12.21 16.02 0.16
N THR A 59 11.36 16.74 -0.57
CA THR A 59 9.92 16.59 -0.46
C THR A 59 9.27 16.43 -1.84
N MET A 60 7.98 16.09 -1.87
CA MET A 60 7.28 15.97 -3.14
C MET A 60 7.17 17.30 -3.87
N HIS A 61 7.33 18.40 -3.13
CA HIS A 61 7.15 19.74 -3.69
C HIS A 61 8.45 20.58 -3.72
N GLY A 62 9.58 19.91 -3.51
CA GLY A 62 10.87 20.55 -3.74
C GLY A 62 11.95 19.98 -2.84
N GLU A 63 13.18 20.41 -3.07
CA GLU A 63 14.32 19.96 -2.28
C GLU A 63 14.99 21.19 -1.66
N PHE A 64 15.17 21.14 -0.35
CA PHE A 64 15.50 22.34 0.42
C PHE A 64 16.74 22.11 1.25
N ALA A 65 17.81 22.79 0.85
CA ALA A 65 19.10 22.65 1.49
C ALA A 65 19.24 23.73 2.55
N VAL A 66 18.70 23.45 3.73
CA VAL A 66 18.62 24.47 4.79
C VAL A 66 19.99 24.78 5.42
N ALA A 67 20.95 23.90 5.14
CA ALA A 67 22.33 23.99 5.64
C ALA A 67 22.40 23.74 7.15
N ASN A 68 23.20 24.52 7.86
CA ASN A 68 23.51 24.24 9.25
C ASN A 68 22.27 24.15 10.14
N SER A 69 21.99 22.94 10.66
CA SER A 69 20.76 22.68 11.42
C SER A 69 20.66 23.41 12.78
N THR A 70 21.79 23.83 13.35
CA THR A 70 21.79 24.49 14.66
C THR A 70 21.09 25.85 14.68
N GLN A 71 20.80 26.42 13.52
CA GLN A 71 20.08 27.68 13.45
C GLN A 71 18.58 27.52 13.56
N LEU A 72 18.10 26.27 13.50
CA LEU A 72 16.67 26.01 13.42
C LEU A 72 16.04 25.92 14.79
N GLN A 73 14.82 26.45 14.93
CA GLN A 73 14.00 26.26 16.14
C GLN A 73 13.54 24.82 16.18
N MET A 74 13.67 24.21 17.36
CA MET A 74 13.24 22.82 17.51
C MET A 74 12.45 22.63 18.81
N LYS A 75 11.62 21.58 18.84
CA LYS A 75 10.82 21.26 20.01
C LYS A 75 10.89 19.75 20.22
N PRO A 76 11.72 19.29 21.18
CA PRO A 76 11.75 17.85 21.43
C PRO A 76 10.48 17.35 22.12
N VAL A 77 10.08 16.13 21.83
CA VAL A 77 9.08 15.46 22.66
C VAL A 77 9.94 14.81 23.75
N GLU A 78 10.10 15.47 24.90
CA GLU A 78 11.10 15.02 25.86
C GLU A 78 10.82 13.60 26.37
N GLY A 79 11.87 12.78 26.46
CA GLY A 79 11.72 11.41 26.92
C GLY A 79 11.56 10.38 25.81
N ARG A 80 11.42 10.83 24.56
CA ARG A 80 11.33 9.87 23.45
C ARG A 80 12.02 10.36 22.19
N ASP A 81 12.21 9.45 21.24
CA ASP A 81 13.04 9.72 20.06
C ASP A 81 12.27 10.43 18.94
N ILE A 82 11.57 11.52 19.30
CA ILE A 82 10.87 12.41 18.36
C ILE A 82 11.23 13.88 18.61
N ILE A 83 11.41 14.61 17.51
CA ILE A 83 11.69 16.05 17.57
C ILE A 83 10.89 16.74 16.47
N VAL A 84 10.49 17.98 16.72
CA VAL A 84 9.80 18.79 15.73
C VAL A 84 10.74 19.93 15.37
N ILE A 85 10.91 20.18 14.07
CA ILE A 85 11.82 21.23 13.59
C ILE A 85 10.96 22.24 12.85
N LYS A 86 11.13 23.52 13.17
CA LYS A 86 10.36 24.55 12.49
C LYS A 86 11.17 25.10 11.30
N MET A 87 10.55 25.15 10.13
CA MET A 87 11.24 25.64 8.96
C MET A 87 11.10 27.16 8.83
N ALA A 88 12.06 27.76 8.12
CA ALA A 88 11.97 29.18 7.76
C ALA A 88 10.74 29.55 6.87
N LYS A 89 10.39 30.83 6.84
CA LYS A 89 9.23 31.26 6.07
C LYS A 89 9.34 30.95 4.57
N ASP A 90 10.56 30.92 4.03
CA ASP A 90 10.78 30.62 2.60
C ASP A 90 10.71 29.11 2.24
N PHE A 91 10.50 28.27 3.26
CA PHE A 91 10.30 26.85 3.01
C PHE A 91 8.80 26.70 2.80
N PRO A 92 8.36 26.17 1.63
CA PRO A 92 6.94 26.06 1.34
C PRO A 92 6.30 24.98 2.24
N PRO A 93 5.26 25.34 3.00
CA PRO A 93 4.72 24.38 3.96
C PRO A 93 3.93 23.20 3.38
N PHE A 94 3.82 22.16 4.19
CA PHE A 94 2.96 20.99 3.92
C PHE A 94 1.53 21.30 4.37
N PRO A 95 0.55 20.49 3.94
CA PRO A 95 -0.79 20.55 4.52
C PRO A 95 -0.79 20.16 5.99
N GLN A 96 -1.94 20.26 6.65
CA GLN A 96 -2.04 20.07 8.10
C GLN A 96 -3.25 19.18 8.41
N LYS A 97 -3.37 18.10 7.64
CA LYS A 97 -4.52 17.21 7.75
C LYS A 97 -4.25 15.83 8.35
N LEU A 98 -2.98 15.39 8.34
CA LEU A 98 -2.66 14.07 8.91
C LEU A 98 -3.14 13.98 10.36
N LYS A 99 -3.59 12.79 10.76
CA LYS A 99 -3.94 12.52 12.18
C LYS A 99 -2.88 11.63 12.84
N PHE A 100 -2.56 11.98 14.08
CA PHE A 100 -1.59 11.26 14.92
C PHE A 100 -2.29 10.82 16.20
N ARG A 101 -2.00 9.61 16.65
CA ARG A 101 -2.48 9.21 17.99
C ARG A 101 -1.58 8.14 18.57
N GLN A 102 -1.78 7.83 19.85
CA GLN A 102 -1.01 6.76 20.46
C GLN A 102 -1.57 5.40 19.97
N PRO A 103 -0.71 4.39 19.85
CA PRO A 103 -1.18 3.05 19.51
C PRO A 103 -1.91 2.42 20.69
N THR A 104 -2.71 1.41 20.37
CA THR A 104 -3.33 0.59 21.40
C THR A 104 -3.13 -0.87 21.02
N ILE A 105 -3.46 -1.76 21.93
CA ILE A 105 -3.31 -3.19 21.65
C ILE A 105 -4.31 -3.73 20.64
N LYS A 106 -5.23 -2.87 20.16
CA LYS A 106 -6.09 -3.25 19.05
C LYS A 106 -5.36 -3.08 17.70
N ASP A 107 -4.41 -2.16 17.65
CA ASP A 107 -3.81 -1.77 16.39
C ASP A 107 -2.90 -2.80 15.75
N ARG A 108 -2.90 -2.81 14.43
CA ARG A 108 -1.80 -3.40 13.68
C ARG A 108 -1.32 -2.28 12.77
N VAL A 109 -0.05 -2.33 12.38
CA VAL A 109 0.55 -1.21 11.65
C VAL A 109 1.21 -1.61 10.34
N CYS A 110 1.14 -0.70 9.36
N CYS A 110 1.20 -0.72 9.37
CA CYS A 110 1.97 -0.77 8.12
CA CYS A 110 2.13 -0.91 8.27
C CYS A 110 2.96 0.37 8.07
C CYS A 110 3.03 0.29 8.23
N MET A 111 4.16 0.11 7.58
CA MET A 111 5.12 1.19 7.38
C MET A 111 4.81 1.81 6.02
N VAL A 112 4.87 3.13 5.98
CA VAL A 112 4.62 3.86 4.74
C VAL A 112 5.87 4.67 4.38
N SER A 113 6.19 4.72 3.09
CA SER A 113 7.33 5.55 2.68
C SER A 113 7.02 6.11 1.28
N THR A 114 8.03 6.72 0.70
N THR A 114 8.05 6.67 0.66
CA THR A 114 7.85 7.38 -0.57
CA THR A 114 7.90 7.46 -0.55
C THR A 114 9.11 7.18 -1.39
C THR A 114 9.18 7.34 -1.37
N ASN A 115 8.90 7.10 -2.70
N ASN A 115 9.00 7.05 -2.66
CA ASN A 115 9.97 7.07 -3.66
CA ASN A 115 10.08 7.01 -3.66
C ASN A 115 9.90 8.40 -4.40
C ASN A 115 9.97 8.22 -4.60
N PHE A 116 11.06 8.97 -4.72
CA PHE A 116 11.11 10.24 -5.42
C PHE A 116 11.54 10.00 -6.87
N GLN A 117 10.73 10.51 -7.81
CA GLN A 117 10.93 10.27 -9.25
C GLN A 117 11.10 11.62 -9.95
N GLN A 118 11.12 11.62 -11.27
CA GLN A 118 11.45 12.90 -11.95
C GLN A 118 10.38 13.97 -11.75
N LYS A 119 9.11 13.59 -11.96
CA LYS A 119 8.04 14.60 -11.99
C LYS A 119 7.04 14.41 -10.86
N SER A 120 7.27 13.40 -10.03
CA SER A 120 6.26 12.93 -9.08
C SER A 120 6.93 12.12 -8.01
N VAL A 121 6.17 11.74 -7.00
CA VAL A 121 6.69 10.75 -6.03
C VAL A 121 5.72 9.58 -6.08
N SER A 122 6.16 8.42 -5.61
CA SER A 122 5.22 7.29 -5.51
C SER A 122 5.17 6.79 -4.08
N SER A 123 4.04 6.22 -3.71
CA SER A 123 3.82 5.70 -2.36
C SER A 123 4.29 4.26 -2.23
N LEU A 124 4.79 3.93 -1.03
CA LEU A 124 5.23 2.57 -0.72
C LEU A 124 4.59 2.14 0.59
N VAL A 125 4.16 0.88 0.68
CA VAL A 125 3.58 0.40 1.92
C VAL A 125 4.05 -1.02 2.20
N SER A 126 4.29 -1.33 3.48
CA SER A 126 4.80 -2.65 3.88
C SER A 126 3.67 -3.59 4.24
N GLU A 127 4.04 -4.84 4.56
CA GLU A 127 3.06 -5.73 5.20
C GLU A 127 2.67 -5.16 6.55
N SER A 128 1.51 -5.58 7.05
CA SER A 128 1.06 -5.10 8.37
C SER A 128 1.70 -5.95 9.46
N SER A 129 1.87 -5.35 10.63
CA SER A 129 2.49 -6.04 11.76
C SER A 129 1.71 -5.89 13.04
N HIS A 130 1.74 -6.93 13.85
CA HIS A 130 1.30 -6.83 15.23
C HIS A 130 2.32 -5.98 15.96
N ILE A 131 1.89 -5.41 17.09
CA ILE A 131 2.79 -4.55 17.90
C ILE A 131 2.74 -4.93 19.36
N VAL A 132 3.84 -4.63 20.07
CA VAL A 132 3.91 -4.95 21.50
C VAL A 132 4.67 -3.82 22.20
N HIS A 133 4.05 -3.23 23.21
CA HIS A 133 4.63 -2.10 23.92
C HIS A 133 5.81 -2.55 24.79
N LYS A 134 6.87 -1.76 24.77
CA LYS A 134 8.03 -1.94 25.65
C LYS A 134 7.82 -1.13 26.93
N GLU A 135 7.63 -1.85 28.05
CA GLU A 135 7.32 -1.22 29.32
C GLU A 135 8.30 -0.11 29.70
N ASP A 136 7.76 0.98 30.23
CA ASP A 136 8.48 2.14 30.75
C ASP A 136 9.21 2.92 29.66
N THR A 137 8.76 2.72 28.43
CA THR A 137 9.30 3.48 27.31
C THR A 137 8.19 3.94 26.38
N SER A 138 8.59 4.73 25.38
CA SER A 138 7.69 5.10 24.28
C SER A 138 7.90 4.19 23.07
N PHE A 139 8.61 3.10 23.26
CA PHE A 139 8.90 2.19 22.14
C PHE A 139 7.87 1.06 22.05
N TRP A 140 7.51 0.71 20.82
CA TRP A 140 6.69 -0.47 20.55
C TRP A 140 7.41 -1.37 19.55
N GLN A 141 7.42 -2.66 19.81
CA GLN A 141 8.03 -3.60 18.89
C GLN A 141 7.16 -3.80 17.64
N HIS A 142 7.80 -3.98 16.49
CA HIS A 142 7.13 -4.39 15.27
C HIS A 142 8.03 -5.37 14.53
N TRP A 143 7.44 -6.07 13.55
CA TRP A 143 8.14 -7.11 12.80
C TRP A 143 8.32 -6.85 11.29
N ILE A 144 8.28 -5.57 10.89
CA ILE A 144 8.43 -5.18 9.48
C ILE A 144 9.93 -5.04 9.17
N THR A 145 10.36 -5.72 8.12
CA THR A 145 11.74 -5.62 7.63
C THR A 145 12.15 -4.15 7.39
N THR A 146 13.30 -3.77 7.97
CA THR A 146 13.85 -2.44 7.76
C THR A 146 15.35 -2.51 7.48
N LYS A 147 15.83 -1.49 6.78
CA LYS A 147 17.25 -1.31 6.51
C LYS A 147 17.67 -0.05 7.24
N ASP A 148 18.96 0.08 7.55
CA ASP A 148 19.50 1.36 8.02
C ASP A 148 19.08 2.40 6.98
N GLY A 149 18.56 3.53 7.44
CA GLY A 149 18.08 4.53 6.51
C GLY A 149 16.59 4.75 6.66
N GLN A 150 15.88 3.79 7.25
CA GLN A 150 14.42 3.86 7.30
C GLN A 150 13.86 4.41 8.61
N ALA A 151 14.74 4.76 9.54
CA ALA A 151 14.25 5.46 10.75
C ALA A 151 13.49 6.72 10.30
N GLY A 152 12.41 7.01 11.01
CA GLY A 152 11.57 8.17 10.69
C GLY A 152 10.37 7.85 9.82
N SER A 153 10.35 6.65 9.25
CA SER A 153 9.22 6.18 8.43
C SER A 153 7.99 6.02 9.31
N PRO A 154 6.86 6.60 8.90
CA PRO A 154 5.65 6.42 9.72
C PRO A 154 5.16 4.98 9.80
N LEU A 155 4.68 4.62 10.99
CA LEU A 155 3.87 3.43 11.20
C LEU A 155 2.42 3.84 11.32
N VAL A 156 1.59 3.24 10.47
CA VAL A 156 0.22 3.71 10.26
C VAL A 156 -0.76 2.61 10.68
N SER A 157 -1.77 2.96 11.48
CA SER A 157 -2.77 1.97 11.88
C SER A 157 -3.63 1.52 10.69
N ILE A 158 -3.84 0.21 10.56
CA ILE A 158 -4.78 -0.27 9.56
C ILE A 158 -6.23 -0.25 10.07
N ILE A 159 -6.43 0.17 11.32
CA ILE A 159 -7.80 0.37 11.84
C ILE A 159 -8.40 1.67 11.28
N ASP A 160 -7.66 2.78 11.42
CA ASP A 160 -8.20 4.09 11.06
C ASP A 160 -7.24 4.99 10.26
N GLY A 161 -6.11 4.43 9.82
CA GLY A 161 -5.12 5.20 9.05
C GLY A 161 -4.39 6.33 9.79
N ASN A 162 -4.53 6.39 11.11
CA ASN A 162 -3.77 7.36 11.89
C ASN A 162 -2.29 6.98 11.95
N ILE A 163 -1.42 7.99 12.04
CA ILE A 163 0.01 7.73 12.23
C ILE A 163 0.23 7.48 13.72
N LEU A 164 0.86 6.35 14.06
CA LEU A 164 0.99 5.94 15.48
C LEU A 164 2.40 6.17 15.99
N GLY A 165 3.36 6.31 15.08
CA GLY A 165 4.75 6.37 15.52
C GLY A 165 5.65 6.50 14.32
N ILE A 166 6.94 6.57 14.57
CA ILE A 166 7.94 6.53 13.50
C ILE A 166 9.03 5.52 13.83
N HIS A 167 9.58 4.89 12.79
CA HIS A 167 10.57 3.83 13.05
C HIS A 167 11.81 4.39 13.78
N SER A 168 12.43 3.60 14.68
CA SER A 168 13.53 4.13 15.48
C SER A 168 14.73 3.18 15.67
N LEU A 169 14.48 1.99 16.21
CA LEU A 169 15.53 1.11 16.74
C LEU A 169 15.50 -0.23 16.11
N THR A 170 16.65 -0.89 16.17
CA THR A 170 16.75 -2.31 15.94
C THR A 170 17.70 -2.90 16.99
N HIS A 171 17.46 -4.16 17.33
CA HIS A 171 18.35 -4.87 18.24
C HIS A 171 19.69 -5.09 17.53
N THR A 172 20.79 -5.03 18.25
CA THR A 172 22.11 -5.07 17.61
C THR A 172 22.48 -6.46 17.07
N THR A 173 21.85 -7.51 17.58
CA THR A 173 22.20 -8.88 17.16
C THR A 173 21.02 -9.74 16.70
N ASN A 174 19.83 -9.56 17.28
CA ASN A 174 18.71 -10.44 16.94
C ASN A 174 17.70 -9.84 15.95
N GLY A 175 17.89 -8.57 15.60
CA GLY A 175 17.16 -7.93 14.50
C GLY A 175 15.75 -7.46 14.81
N SER A 176 15.31 -7.61 16.07
CA SER A 176 14.01 -7.07 16.51
C SER A 176 13.96 -5.59 16.16
N ASN A 177 12.77 -5.08 15.84
CA ASN A 177 12.60 -3.67 15.45
C ASN A 177 11.62 -2.95 16.36
N TYR A 178 11.82 -1.65 16.55
CA TYR A 178 10.97 -0.85 17.44
C TYR A 178 10.70 0.51 16.83
N PHE A 179 9.45 0.94 16.95
CA PHE A 179 9.10 2.29 16.61
C PHE A 179 8.82 3.11 17.86
N VAL A 180 8.85 4.43 17.71
CA VAL A 180 8.56 5.32 18.86
C VAL A 180 7.19 5.92 18.63
N GLU A 181 6.33 5.85 19.65
CA GLU A 181 4.94 6.29 19.51
C GLU A 181 4.82 7.80 19.67
N PHE A 182 3.85 8.38 18.94
CA PHE A 182 3.40 9.73 19.24
C PHE A 182 2.66 9.76 20.56
N PRO A 183 2.77 10.87 21.29
CA PRO A 183 2.01 11.06 22.51
C PRO A 183 0.57 11.52 22.23
N GLU A 184 -0.25 11.50 23.28
CA GLU A 184 -1.62 12.02 23.21
C GLU A 184 -1.59 13.49 22.85
N LYS A 185 -2.58 13.93 22.07
CA LYS A 185 -2.78 15.34 21.71
C LYS A 185 -1.51 15.96 21.09
N PHE A 186 -0.86 15.18 20.23
CA PHE A 186 0.42 15.57 19.68
C PHE A 186 0.35 16.90 18.88
N VAL A 187 -0.57 16.96 17.92
CA VAL A 187 -0.73 18.18 17.07
C VAL A 187 -1.02 19.43 17.93
N ALA A 188 -2.02 19.33 18.81
CA ALA A 188 -2.39 20.44 19.71
C ALA A 188 -1.22 20.91 20.57
N THR A 189 -0.52 19.96 21.18
CA THR A 189 0.54 20.24 22.16
C THR A 189 1.86 20.69 21.54
N TYR A 190 2.25 20.08 20.43
CA TYR A 190 3.59 20.31 19.89
C TYR A 190 3.59 21.15 18.61
N LEU A 191 2.53 21.06 17.82
CA LEU A 191 2.51 21.79 16.55
C LEU A 191 1.73 23.10 16.64
N ASP A 192 0.53 23.05 17.20
CA ASP A 192 -0.35 24.22 17.25
C ASP A 192 0.16 25.23 18.28
N ALA A 193 0.85 24.72 19.29
CA ALA A 193 1.31 25.53 20.43
C ALA A 193 2.43 26.50 20.08
N ALA A 194 2.20 27.78 20.36
CA ALA A 194 3.13 28.86 20.00
C ALA A 194 4.38 28.89 20.88
N ASP A 195 4.25 28.36 22.10
CA ASP A 195 5.35 28.34 23.06
C ASP A 195 6.23 27.10 22.91
N GLY A 196 7.35 27.09 23.64
CA GLY A 196 8.19 25.92 23.82
C GLY A 196 9.28 25.63 22.78
N TRP A 197 9.54 26.59 21.89
CA TRP A 197 10.56 26.44 20.84
C TRP A 197 11.91 26.96 21.32
N CYS A 198 13.00 26.38 20.80
CA CYS A 198 14.32 26.94 21.08
C CYS A 198 15.35 26.60 20.00
N LYS A 199 16.43 27.37 19.94
CA LYS A 199 17.50 27.13 18.97
C LYS A 199 18.71 26.42 19.56
N ASN A 200 18.72 26.25 20.88
CA ASN A 200 19.91 25.75 21.55
C ASN A 200 19.81 24.31 22.07
N TRP A 201 18.83 23.57 21.53
CA TRP A 201 18.66 22.13 21.81
C TRP A 201 19.79 21.29 21.24
N LYS A 202 20.26 20.35 22.05
CA LYS A 202 21.30 19.43 21.64
C LYS A 202 20.87 18.02 22.06
N PHE A 203 21.19 17.04 21.21
CA PHE A 203 20.82 15.64 21.47
C PHE A 203 21.50 15.07 22.70
N ASN A 204 20.73 14.33 23.49
CA ASN A 204 21.26 13.64 24.66
C ASN A 204 20.47 12.35 24.86
N ALA A 205 21.09 11.21 24.55
CA ALA A 205 20.40 9.91 24.66
C ALA A 205 19.89 9.64 26.06
N ASP A 206 20.58 10.19 27.07
CA ASP A 206 20.18 10.02 28.47
C ASP A 206 18.84 10.62 28.80
N LYS A 207 18.34 11.49 27.93
CA LYS A 207 17.06 12.13 28.15
C LYS A 207 15.91 11.35 27.52
N ILE A 208 16.22 10.25 26.85
CA ILE A 208 15.19 9.34 26.32
C ILE A 208 15.00 8.22 27.36
N SER A 209 13.76 7.77 27.52
CA SER A 209 13.43 6.66 28.45
C SER A 209 13.73 5.33 27.77
N TRP A 210 14.60 4.51 28.39
CA TRP A 210 15.11 3.27 27.78
C TRP A 210 14.57 1.98 28.39
N GLY A 211 13.93 2.08 29.56
CA GLY A 211 13.45 0.89 30.26
C GLY A 211 14.61 -0.07 30.39
N SER A 212 14.42 -1.32 29.96
CA SER A 212 15.46 -2.33 30.07
C SER A 212 16.40 -2.41 28.86
N PHE A 213 16.25 -1.50 27.90
CA PHE A 213 17.20 -1.45 26.76
C PHE A 213 18.55 -0.88 27.18
N THR A 214 19.62 -1.37 26.56
CA THR A 214 20.92 -0.71 26.59
C THR A 214 21.20 -0.18 25.18
N LEU A 215 21.26 1.14 25.02
CA LEU A 215 21.58 1.74 23.72
C LEU A 215 23.08 1.67 23.42
N VAL A 216 23.40 1.11 22.26
CA VAL A 216 24.79 1.06 21.79
C VAL A 216 25.01 2.12 20.71
N GLU A 217 25.77 3.16 21.07
CA GLU A 217 25.93 4.33 20.21
C GLU A 217 27.37 4.53 19.77
N ALA B 3 11.15 -15.41 9.77
CA ALA B 3 11.83 -14.09 9.71
C ALA B 3 10.80 -12.98 9.60
N LEU B 4 11.30 -11.75 9.44
CA LEU B 4 10.46 -10.56 9.47
C LEU B 4 9.54 -10.47 8.27
N LEU B 5 8.48 -9.68 8.42
CA LEU B 5 7.52 -9.40 7.37
C LEU B 5 8.19 -8.58 6.29
N LYS B 6 7.61 -8.57 5.09
CA LYS B 6 8.23 -7.83 3.99
C LYS B 6 8.09 -6.32 4.20
N GLY B 7 9.09 -5.60 3.73
CA GLY B 7 9.15 -4.16 3.91
C GLY B 7 8.35 -3.40 2.88
N VAL B 8 8.59 -2.09 2.82
CA VAL B 8 7.76 -1.25 1.95
C VAL B 8 7.86 -1.66 0.47
N ARG B 9 6.72 -1.62 -0.24
CA ARG B 9 6.65 -2.00 -1.66
C ARG B 9 5.81 -0.98 -2.42
N ASP B 10 6.19 -0.72 -3.67
CA ASP B 10 5.43 0.19 -4.54
C ASP B 10 4.41 -0.57 -5.37
N PHE B 11 3.14 -0.38 -5.07
CA PHE B 11 2.04 -1.01 -5.82
C PHE B 11 1.47 -0.15 -6.93
N ASN B 12 2.01 1.05 -7.08
CA ASN B 12 1.43 1.99 -8.05
C ASN B 12 1.53 1.60 -9.53
N PRO B 13 2.62 0.92 -9.93
CA PRO B 13 2.58 0.38 -11.31
C PRO B 13 1.36 -0.51 -11.62
N ILE B 14 0.88 -1.22 -10.61
CA ILE B 14 -0.27 -2.09 -10.77
C ILE B 14 -1.58 -1.29 -10.70
N SER B 15 -1.74 -0.46 -9.67
CA SER B 15 -2.96 0.35 -9.51
C SER B 15 -3.19 1.24 -10.72
N ALA B 16 -2.11 1.73 -11.33
CA ALA B 16 -2.24 2.60 -12.50
C ALA B 16 -2.91 1.88 -13.69
N CYS B 17 -2.83 0.55 -13.67
CA CYS B 17 -3.50 -0.28 -14.72
C CYS B 17 -4.89 -0.81 -14.39
N VAL B 18 -5.37 -0.55 -13.17
CA VAL B 18 -6.67 -1.04 -12.77
C VAL B 18 -7.75 -0.12 -13.38
N CYS B 19 -8.82 -0.74 -13.88
N CYS B 19 -8.82 -0.72 -13.87
CA CYS B 19 -9.94 -0.04 -14.49
CA CYS B 19 -9.92 0.04 -14.45
C CYS B 19 -11.24 -0.41 -13.78
C CYS B 19 -11.25 -0.45 -13.90
N LEU B 20 -12.24 0.45 -13.89
CA LEU B 20 -13.56 0.16 -13.37
C LEU B 20 -14.45 -0.16 -14.57
N LEU B 21 -15.07 -1.34 -14.54
CA LEU B 21 -15.92 -1.83 -15.62
C LEU B 21 -17.35 -1.89 -15.18
N GLU B 22 -18.26 -1.33 -15.98
CA GLU B 22 -19.64 -1.34 -15.57
C GLU B 22 -20.55 -1.59 -16.76
N ASN B 23 -21.63 -2.32 -16.52
CA ASN B 23 -22.70 -2.42 -17.51
C ASN B 23 -24.04 -2.51 -16.80
N SER B 24 -25.13 -2.41 -17.54
CA SER B 24 -26.46 -2.38 -16.88
C SER B 24 -27.54 -2.65 -17.90
N SER B 25 -28.40 -3.60 -17.57
CA SER B 25 -29.58 -3.91 -18.37
C SER B 25 -30.77 -4.05 -17.45
N ASP B 26 -31.88 -3.40 -17.82
CA ASP B 26 -33.15 -3.54 -17.09
C ASP B 26 -32.99 -3.21 -15.61
N GLY B 27 -32.09 -2.28 -15.30
CA GLY B 27 -31.81 -1.92 -13.91
C GLY B 27 -30.88 -2.81 -13.10
N HIS B 28 -30.42 -3.92 -13.68
CA HIS B 28 -29.41 -4.76 -13.01
C HIS B 28 -28.04 -4.28 -13.46
N SER B 29 -27.25 -3.72 -12.54
CA SER B 29 -25.92 -3.20 -12.89
C SER B 29 -24.82 -4.08 -12.35
N GLU B 30 -23.70 -4.08 -13.06
CA GLU B 30 -22.48 -4.76 -12.59
C GLU B 30 -21.43 -3.70 -12.39
N ARG B 31 -20.63 -3.87 -11.35
CA ARG B 31 -19.50 -2.97 -11.11
C ARG B 31 -18.35 -3.90 -10.73
N LEU B 32 -17.33 -3.98 -11.58
CA LEU B 32 -16.19 -4.87 -11.31
C LEU B 32 -14.93 -4.13 -11.71
N PHE B 33 -13.78 -4.64 -11.31
CA PHE B 33 -12.51 -4.07 -11.72
C PHE B 33 -11.88 -4.93 -12.81
N GLY B 34 -11.07 -4.28 -13.64
CA GLY B 34 -10.27 -4.97 -14.63
C GLY B 34 -8.83 -4.54 -14.52
N ILE B 35 -7.97 -5.25 -15.25
CA ILE B 35 -6.54 -4.94 -15.31
C ILE B 35 -6.16 -4.71 -16.76
N GLY B 36 -5.67 -3.52 -17.07
CA GLY B 36 -5.25 -3.22 -18.44
C GLY B 36 -3.82 -3.67 -18.72
N PHE B 37 -3.60 -4.19 -19.91
CA PHE B 37 -2.26 -4.62 -20.33
C PHE B 37 -2.25 -4.46 -21.85
N GLY B 38 -1.43 -3.53 -22.36
CA GLY B 38 -1.44 -3.27 -23.81
C GLY B 38 -2.84 -2.93 -24.30
N PRO B 39 -3.27 -3.56 -25.42
CA PRO B 39 -4.63 -3.29 -25.89
C PRO B 39 -5.71 -4.12 -25.20
N TYR B 40 -5.35 -4.80 -24.11
CA TYR B 40 -6.28 -5.77 -23.47
C TYR B 40 -6.76 -5.28 -22.11
N ILE B 41 -7.97 -5.70 -21.75
CA ILE B 41 -8.43 -5.60 -20.37
C ILE B 41 -8.76 -7.00 -19.86
N ILE B 42 -8.15 -7.36 -18.72
CA ILE B 42 -8.36 -8.66 -18.08
C ILE B 42 -9.46 -8.49 -17.03
N ALA B 43 -10.44 -9.40 -17.02
CA ALA B 43 -11.58 -9.25 -16.10
C ALA B 43 -12.11 -10.61 -15.72
N ASN B 44 -13.13 -10.62 -14.85
CA ASN B 44 -13.82 -11.89 -14.54
C ASN B 44 -14.77 -12.22 -15.68
N GLN B 45 -14.95 -13.51 -15.97
CA GLN B 45 -15.97 -13.93 -16.94
C GLN B 45 -17.35 -13.45 -16.53
N HIS B 46 -17.60 -13.43 -15.21
CA HIS B 46 -18.92 -13.11 -14.66
C HIS B 46 -19.38 -11.66 -14.87
N LEU B 47 -18.47 -10.82 -15.34
CA LEU B 47 -18.84 -9.48 -15.77
C LEU B 47 -20.01 -9.55 -16.78
N PHE B 48 -20.00 -10.62 -17.58
CA PHE B 48 -20.99 -10.82 -18.64
C PHE B 48 -22.02 -11.92 -18.34
N ARG B 49 -22.20 -12.23 -17.05
CA ARG B 49 -23.14 -13.29 -16.64
C ARG B 49 -24.57 -12.96 -17.04
N ARG B 50 -24.89 -11.69 -17.15
CA ARG B 50 -26.25 -11.30 -17.51
C ARG B 50 -26.29 -10.21 -18.55
N ASN B 51 -25.39 -9.23 -18.40
CA ASN B 51 -25.39 -8.04 -19.26
C ASN B 51 -24.37 -8.19 -20.37
N ASN B 52 -24.76 -7.78 -21.58
CA ASN B 52 -23.80 -7.65 -22.66
C ASN B 52 -24.14 -6.52 -23.64
N GLY B 53 -24.66 -5.44 -23.08
CA GLY B 53 -24.86 -4.22 -23.85
C GLY B 53 -23.65 -3.32 -23.64
N GLU B 54 -23.92 -2.02 -23.47
CA GLU B 54 -22.85 -1.04 -23.33
C GLU B 54 -21.95 -1.35 -22.15
N LEU B 55 -20.64 -1.34 -22.42
CA LEU B 55 -19.65 -1.48 -21.37
C LEU B 55 -18.94 -0.14 -21.19
N THR B 56 -18.94 0.39 -19.96
CA THR B 56 -18.19 1.62 -19.72
C THR B 56 -16.93 1.26 -18.95
N ILE B 57 -15.83 1.90 -19.30
CA ILE B 57 -14.51 1.59 -18.75
C ILE B 57 -13.90 2.89 -18.24
N LYS B 58 -13.69 2.98 -16.92
CA LYS B 58 -12.98 4.12 -16.35
C LYS B 58 -11.52 3.73 -16.14
N THR B 59 -10.61 4.50 -16.73
CA THR B 59 -9.17 4.25 -16.60
C THR B 59 -8.47 5.44 -15.95
N MET B 60 -7.19 5.23 -15.66
CA MET B 60 -6.28 6.25 -15.19
C MET B 60 -5.99 7.24 -16.34
N HIS B 61 -6.36 6.87 -17.56
CA HIS B 61 -6.11 7.74 -18.71
C HIS B 61 -7.38 8.11 -19.51
N GLY B 62 -8.51 8.20 -18.80
CA GLY B 62 -9.80 8.59 -19.40
C GLY B 62 -10.96 7.63 -19.18
N GLU B 63 -12.15 8.08 -19.56
CA GLU B 63 -13.34 7.23 -19.51
C GLU B 63 -13.79 6.88 -20.92
N PHE B 64 -14.13 5.61 -21.11
CA PHE B 64 -14.44 5.07 -22.42
C PHE B 64 -15.74 4.30 -22.38
N ALA B 65 -16.39 4.20 -23.53
CA ALA B 65 -17.63 3.43 -23.64
C ALA B 65 -17.57 2.56 -24.89
N VAL B 66 -17.92 1.28 -24.73
CA VAL B 66 -18.09 0.36 -25.86
C VAL B 66 -19.59 0.18 -26.06
N ALA B 67 -20.10 0.49 -27.26
CA ALA B 67 -21.54 0.41 -27.54
C ALA B 67 -22.19 -0.94 -27.13
N ASN B 68 -21.56 -2.05 -27.48
CA ASN B 68 -22.04 -3.36 -27.05
C ASN B 68 -20.88 -4.29 -26.85
N SER B 69 -20.82 -4.96 -25.71
CA SER B 69 -19.67 -5.83 -25.42
C SER B 69 -19.56 -7.01 -26.39
N THR B 70 -20.69 -7.39 -27.01
CA THR B 70 -20.71 -8.47 -27.99
C THR B 70 -19.92 -8.13 -29.24
N GLN B 71 -19.59 -6.85 -29.42
CA GLN B 71 -18.78 -6.41 -30.56
C GLN B 71 -17.29 -6.61 -30.35
N LEU B 72 -16.88 -6.94 -29.12
CA LEU B 72 -15.48 -7.04 -28.77
C LEU B 72 -14.96 -8.45 -28.91
N GLN B 73 -13.75 -8.59 -29.44
CA GLN B 73 -13.07 -9.86 -29.43
C GLN B 73 -12.71 -10.16 -27.98
N MET B 74 -12.99 -11.38 -27.56
CA MET B 74 -12.65 -11.83 -26.21
C MET B 74 -12.04 -13.22 -26.28
N LYS B 75 -11.30 -13.57 -25.22
CA LYS B 75 -10.72 -14.88 -25.12
C LYS B 75 -10.84 -15.30 -23.65
N PRO B 76 -11.70 -16.29 -23.39
CA PRO B 76 -11.81 -16.84 -22.05
C PRO B 76 -10.58 -17.67 -21.65
N VAL B 77 -10.27 -17.65 -20.37
CA VAL B 77 -9.35 -18.61 -19.83
C VAL B 77 -10.27 -19.77 -19.49
N GLU B 78 -10.42 -20.72 -20.42
CA GLU B 78 -11.47 -21.76 -20.25
C GLU B 78 -11.27 -22.55 -18.96
N GLY B 79 -12.34 -22.74 -18.22
CA GLY B 79 -12.30 -23.45 -16.95
C GLY B 79 -12.18 -22.59 -15.70
N ARG B 80 -11.96 -21.28 -15.88
CA ARG B 80 -11.93 -20.36 -14.73
C ARG B 80 -12.59 -19.01 -14.99
N ASP B 81 -12.84 -18.25 -13.93
CA ASP B 81 -13.54 -16.97 -14.00
C ASP B 81 -12.64 -15.80 -14.44
N ILE B 82 -11.92 -15.99 -15.56
CA ILE B 82 -11.09 -14.92 -16.14
C ILE B 82 -11.38 -14.83 -17.64
N ILE B 83 -11.46 -13.60 -18.15
CA ILE B 83 -11.60 -13.39 -19.57
C ILE B 83 -10.70 -12.25 -20.00
N VAL B 84 -10.18 -12.33 -21.23
CA VAL B 84 -9.38 -11.24 -21.80
C VAL B 84 -10.20 -10.55 -22.88
N ILE B 85 -10.25 -9.23 -22.81
CA ILE B 85 -11.05 -8.41 -23.74
C ILE B 85 -10.10 -7.58 -24.59
N LYS B 86 -10.26 -7.66 -25.92
CA LYS B 86 -9.47 -6.87 -26.85
C LYS B 86 -10.17 -5.53 -27.11
N MET B 87 -9.46 -4.43 -26.85
CA MET B 87 -10.05 -3.09 -27.01
C MET B 87 -9.91 -2.66 -28.46
N ALA B 88 -10.76 -1.71 -28.86
CA ALA B 88 -10.77 -1.18 -30.23
C ALA B 88 -9.44 -0.51 -30.58
N LYS B 89 -9.19 -0.40 -31.89
CA LYS B 89 -7.97 0.23 -32.41
C LYS B 89 -7.67 1.62 -31.87
N ASP B 90 -8.70 2.35 -31.50
CA ASP B 90 -8.55 3.74 -31.06
C ASP B 90 -8.50 3.92 -29.53
N PHE B 91 -8.58 2.82 -28.79
CA PHE B 91 -8.41 2.85 -27.35
C PHE B 91 -6.91 2.96 -27.06
N PRO B 92 -6.51 3.97 -26.26
CA PRO B 92 -5.09 4.13 -25.91
C PRO B 92 -4.62 2.93 -25.07
N PRO B 93 -3.62 2.18 -25.55
CA PRO B 93 -3.17 1.01 -24.82
C PRO B 93 -2.55 1.33 -23.46
N PHE B 94 -2.60 0.35 -22.58
CA PHE B 94 -1.93 0.38 -21.31
C PHE B 94 -0.49 -0.05 -21.54
N PRO B 95 0.40 0.21 -20.56
CA PRO B 95 1.75 -0.34 -20.60
C PRO B 95 1.74 -1.87 -20.54
N GLN B 96 2.89 -2.49 -20.75
CA GLN B 96 3.00 -3.95 -20.79
C GLN B 96 4.10 -4.45 -19.85
N LYS B 97 4.14 -3.86 -18.66
CA LYS B 97 5.20 -4.15 -17.69
C LYS B 97 4.77 -5.13 -16.59
N LEU B 98 3.46 -5.29 -16.40
CA LEU B 98 2.98 -6.19 -15.31
C LEU B 98 3.42 -7.64 -15.55
N LYS B 99 3.68 -8.35 -14.45
CA LYS B 99 4.00 -9.77 -14.51
C LYS B 99 2.88 -10.52 -13.80
N PHE B 100 2.52 -11.65 -14.40
CA PHE B 100 1.49 -12.56 -13.90
C PHE B 100 2.09 -13.94 -13.71
N ARG B 101 1.70 -14.62 -12.64
CA ARG B 101 2.11 -16.01 -12.46
C ARG B 101 1.10 -16.75 -11.60
N GLN B 102 1.23 -18.07 -11.59
CA GLN B 102 0.46 -18.93 -10.70
C GLN B 102 0.92 -18.75 -9.24
N PRO B 103 -0.04 -18.72 -8.33
CA PRO B 103 0.28 -18.70 -6.90
C PRO B 103 0.76 -20.07 -6.43
N THR B 104 1.53 -20.09 -5.34
CA THR B 104 1.78 -21.34 -4.58
C THR B 104 1.46 -21.07 -3.13
N ILE B 105 1.39 -22.13 -2.33
CA ILE B 105 1.16 -22.01 -0.89
C ILE B 105 2.21 -21.15 -0.16
N LYS B 106 3.35 -20.91 -0.81
CA LYS B 106 4.44 -20.07 -0.30
C LYS B 106 4.09 -18.58 -0.33
N ASP B 107 3.13 -18.22 -1.16
CA ASP B 107 2.81 -16.83 -1.37
C ASP B 107 1.93 -16.26 -0.28
N ARG B 108 2.19 -15.01 0.03
CA ARG B 108 1.21 -14.20 0.73
C ARG B 108 0.81 -13.13 -0.28
N VAL B 109 -0.45 -12.71 -0.24
CA VAL B 109 -0.96 -11.76 -1.21
C VAL B 109 -1.66 -10.58 -0.54
N CYS B 110 -1.61 -9.43 -1.21
N CYS B 110 -1.68 -9.44 -1.21
CA CYS B 110 -2.40 -8.25 -0.86
CA CYS B 110 -2.51 -8.34 -0.78
C CYS B 110 -3.40 -8.01 -1.99
C CYS B 110 -3.32 -7.84 -1.96
N MET B 111 -4.54 -7.39 -1.67
CA MET B 111 -5.45 -6.90 -2.71
C MET B 111 -5.07 -5.46 -3.07
N VAL B 112 -5.13 -5.12 -4.35
CA VAL B 112 -4.77 -3.76 -4.77
C VAL B 112 -5.94 -3.15 -5.54
N SER B 113 -6.21 -1.87 -5.31
CA SER B 113 -7.18 -1.16 -6.14
C SER B 113 -6.62 0.24 -6.41
N THR B 114 -7.47 1.10 -6.96
CA THR B 114 -7.07 2.45 -7.37
C THR B 114 -8.02 3.51 -6.84
N ASN B 115 -7.46 4.69 -6.55
CA ASN B 115 -8.26 5.90 -6.23
C ASN B 115 -8.51 6.79 -7.43
N PHE B 116 -7.98 6.38 -8.58
CA PHE B 116 -8.13 7.13 -9.83
C PHE B 116 -7.63 8.56 -9.72
N GLN B 117 -6.64 8.79 -8.85
CA GLN B 117 -5.98 10.09 -8.78
C GLN B 117 -4.74 9.95 -9.65
N GLN B 118 -3.65 10.63 -9.30
CA GLN B 118 -2.47 10.53 -10.14
C GLN B 118 -1.86 9.14 -10.08
N LYS B 119 -1.34 8.69 -11.22
CA LYS B 119 -0.85 7.31 -11.39
C LYS B 119 0.11 6.83 -10.30
N SER B 120 1.09 7.67 -9.96
CA SER B 120 2.15 7.26 -9.03
C SER B 120 1.68 7.23 -7.58
N VAL B 121 0.52 7.81 -7.30
CA VAL B 121 -0.06 7.84 -5.96
C VAL B 121 -1.54 7.39 -6.00
N SER B 122 -1.76 6.32 -6.76
CA SER B 122 -3.11 5.79 -7.01
C SER B 122 -3.44 4.54 -6.21
N SER B 123 -2.43 3.92 -5.58
CA SER B 123 -2.65 2.59 -5.01
C SER B 123 -3.50 2.55 -3.75
N LEU B 124 -4.41 1.59 -3.68
CA LEU B 124 -5.09 1.20 -2.43
C LEU B 124 -4.62 -0.22 -2.15
N VAL B 125 -4.20 -0.51 -0.91
CA VAL B 125 -3.56 -1.80 -0.62
C VAL B 125 -4.15 -2.39 0.66
N SER B 126 -4.50 -3.68 0.62
CA SER B 126 -5.05 -4.34 1.82
C SER B 126 -3.95 -4.91 2.70
N GLU B 127 -4.35 -5.51 3.83
CA GLU B 127 -3.43 -6.35 4.60
C GLU B 127 -3.11 -7.59 3.75
N SER B 128 -1.98 -8.20 4.04
CA SER B 128 -1.56 -9.41 3.32
C SER B 128 -2.11 -10.66 3.99
N SER B 129 -2.30 -11.68 3.16
CA SER B 129 -3.02 -12.88 3.54
C SER B 129 -2.29 -14.15 3.08
N HIS B 130 -2.37 -15.20 3.89
CA HIS B 130 -2.06 -16.54 3.38
C HIS B 130 -3.16 -16.97 2.41
N ILE B 131 -2.88 -18.02 1.62
CA ILE B 131 -3.84 -18.50 0.60
C ILE B 131 -3.92 -20.01 0.68
N VAL B 132 -5.08 -20.56 0.35
CA VAL B 132 -5.29 -22.01 0.39
C VAL B 132 -6.06 -22.41 -0.86
N HIS B 133 -5.47 -23.34 -1.62
CA HIS B 133 -6.07 -23.75 -2.88
C HIS B 133 -7.35 -24.56 -2.67
N LYS B 134 -8.37 -24.26 -3.47
CA LYS B 134 -9.58 -25.08 -3.52
C LYS B 134 -9.40 -26.18 -4.58
N GLU B 135 -9.37 -27.42 -4.13
CA GLU B 135 -9.04 -28.56 -4.99
C GLU B 135 -9.97 -28.65 -6.21
N ASP B 136 -9.40 -29.02 -7.36
CA ASP B 136 -10.12 -29.24 -8.63
C ASP B 136 -10.72 -27.98 -9.23
N THR B 137 -10.21 -26.82 -8.80
CA THR B 137 -10.70 -25.54 -9.31
C THR B 137 -9.48 -24.63 -9.47
N SER B 138 -9.73 -23.42 -9.96
CA SER B 138 -8.68 -22.40 -10.01
C SER B 138 -8.89 -21.36 -8.92
N PHE B 139 -9.69 -21.70 -7.91
CA PHE B 139 -10.00 -20.76 -6.83
C PHE B 139 -9.02 -21.00 -5.69
N TRP B 140 -8.64 -19.90 -5.05
CA TRP B 140 -7.84 -19.94 -3.85
C TRP B 140 -8.52 -19.09 -2.79
N GLN B 141 -8.59 -19.61 -1.56
CA GLN B 141 -9.13 -18.84 -0.46
C GLN B 141 -8.11 -17.79 0.01
N HIS B 142 -8.62 -16.61 0.31
CA HIS B 142 -7.84 -15.56 0.95
C HIS B 142 -8.67 -15.00 2.14
N TRP B 143 -7.99 -14.30 3.05
CA TRP B 143 -8.64 -13.84 4.29
C TRP B 143 -8.79 -12.31 4.35
N ILE B 144 -8.82 -11.67 3.17
CA ILE B 144 -8.94 -10.23 3.08
C ILE B 144 -10.40 -9.80 2.98
N THR B 145 -10.80 -8.84 3.82
CA THR B 145 -12.14 -8.30 3.81
C THR B 145 -12.48 -7.72 2.44
N THR B 146 -13.63 -8.12 1.92
CA THR B 146 -14.15 -7.59 0.65
C THR B 146 -15.64 -7.35 0.77
N LYS B 147 -16.16 -6.47 -0.07
CA LYS B 147 -17.61 -6.35 -0.22
C LYS B 147 -17.98 -6.48 -1.68
N ASP B 148 -19.28 -6.60 -1.97
CA ASP B 148 -19.70 -6.58 -3.36
C ASP B 148 -19.13 -5.36 -4.10
N GLY B 149 -18.70 -5.57 -5.35
CA GLY B 149 -18.14 -4.50 -6.18
C GLY B 149 -16.63 -4.53 -6.28
N GLN B 150 -15.98 -5.49 -5.64
CA GLN B 150 -14.50 -5.58 -5.69
C GLN B 150 -13.99 -6.75 -6.53
N ALA B 151 -14.90 -7.47 -7.19
CA ALA B 151 -14.45 -8.57 -8.02
C ALA B 151 -13.58 -8.00 -9.11
N GLY B 152 -12.56 -8.76 -9.54
CA GLY B 152 -11.62 -8.24 -10.52
C GLY B 152 -10.39 -7.56 -9.91
N SER B 153 -10.47 -7.23 -8.64
CA SER B 153 -9.30 -6.62 -7.97
C SER B 153 -8.09 -7.59 -7.93
N PRO B 154 -6.90 -7.14 -8.38
CA PRO B 154 -5.78 -8.05 -8.36
C PRO B 154 -5.30 -8.42 -6.96
N LEU B 155 -4.92 -9.69 -6.83
CA LEU B 155 -4.17 -10.19 -5.67
C LEU B 155 -2.70 -10.28 -6.09
N VAL B 156 -1.87 -9.56 -5.34
CA VAL B 156 -0.46 -9.34 -5.68
C VAL B 156 0.45 -9.99 -4.65
N SER B 157 1.47 -10.71 -5.13
CA SER B 157 2.43 -11.35 -4.23
C SER B 157 3.30 -10.31 -3.55
N ILE B 158 3.45 -10.43 -2.25
CA ILE B 158 4.38 -9.57 -1.54
C ILE B 158 5.82 -10.10 -1.63
N ILE B 159 6.00 -11.31 -2.17
CA ILE B 159 7.37 -11.79 -2.43
C ILE B 159 8.00 -11.06 -3.63
N ASP B 160 7.29 -11.01 -4.76
CA ASP B 160 7.88 -10.46 -6.00
C ASP B 160 7.01 -9.44 -6.77
N GLY B 161 5.89 -9.05 -6.18
CA GLY B 161 5.03 -8.08 -6.81
C GLY B 161 4.32 -8.56 -8.08
N ASN B 162 4.37 -9.87 -8.36
CA ASN B 162 3.62 -10.45 -9.51
C ASN B 162 2.11 -10.49 -9.18
N ILE B 163 1.26 -10.40 -10.20
CA ILE B 163 -0.20 -10.52 -10.00
C ILE B 163 -0.50 -12.01 -10.05
N LEU B 164 -1.16 -12.52 -9.02
CA LEU B 164 -1.42 -13.97 -8.92
C LEU B 164 -2.85 -14.35 -9.25
N GLY B 165 -3.76 -13.39 -9.21
CA GLY B 165 -5.17 -13.72 -9.40
C GLY B 165 -6.01 -12.48 -9.32
N ILE B 166 -7.32 -12.68 -9.45
CA ILE B 166 -8.28 -11.61 -9.26
C ILE B 166 -9.42 -12.06 -8.36
N HIS B 167 -9.90 -11.13 -7.53
CA HIS B 167 -11.00 -11.47 -6.63
C HIS B 167 -12.26 -11.93 -7.37
N SER B 168 -12.96 -12.91 -6.81
CA SER B 168 -14.07 -13.53 -7.55
C SER B 168 -15.31 -13.89 -6.72
N LEU B 169 -15.14 -14.68 -5.66
CA LEU B 169 -16.26 -15.32 -4.97
C LEU B 169 -16.34 -15.03 -3.49
N THR B 170 -17.54 -15.18 -2.94
CA THR B 170 -17.68 -15.37 -1.50
C THR B 170 -18.67 -16.53 -1.24
N HIS B 171 -18.47 -17.23 -0.13
CA HIS B 171 -19.35 -18.33 0.26
C HIS B 171 -20.64 -17.71 0.76
N THR B 172 -21.78 -18.25 0.33
CA THR B 172 -23.06 -17.59 0.59
C THR B 172 -23.59 -17.72 2.01
N THR B 173 -23.08 -18.69 2.79
CA THR B 173 -23.53 -18.81 4.18
C THR B 173 -22.41 -18.66 5.20
N ASN B 174 -21.16 -18.96 4.81
CA ASN B 174 -20.05 -18.84 5.79
C ASN B 174 -19.07 -17.67 5.57
N GLY B 175 -19.22 -16.98 4.45
CA GLY B 175 -18.44 -15.77 4.15
C GLY B 175 -16.98 -15.89 3.71
N SER B 176 -16.49 -17.12 3.52
N SER B 176 -16.48 -17.12 3.52
CA SER B 176 -15.13 -17.35 3.00
CA SER B 176 -15.10 -17.29 3.04
C SER B 176 -14.99 -16.62 1.65
C SER B 176 -14.95 -16.71 1.63
N ASN B 177 -13.78 -16.13 1.37
CA ASN B 177 -13.54 -15.34 0.15
C ASN B 177 -12.57 -16.06 -0.73
N TYR B 178 -12.76 -15.97 -2.04
CA TYR B 178 -11.88 -16.70 -2.97
C TYR B 178 -11.50 -15.80 -4.14
N PHE B 179 -10.24 -15.91 -4.56
CA PHE B 179 -9.82 -15.37 -5.85
C PHE B 179 -9.61 -16.48 -6.88
N VAL B 180 -9.60 -16.09 -8.16
CA VAL B 180 -9.28 -17.02 -9.24
C VAL B 180 -7.83 -16.76 -9.74
N GLU B 181 -7.03 -17.83 -9.85
CA GLU B 181 -5.63 -17.69 -10.16
C GLU B 181 -5.40 -17.50 -11.64
N PHE B 182 -4.31 -16.83 -11.99
CA PHE B 182 -3.81 -16.87 -13.36
C PHE B 182 -3.10 -18.18 -13.64
N PRO B 183 -3.19 -18.66 -14.90
CA PRO B 183 -2.46 -19.89 -15.26
C PRO B 183 -0.98 -19.62 -15.55
N GLU B 184 -0.18 -20.65 -15.73
CA GLU B 184 1.21 -20.45 -16.11
C GLU B 184 1.28 -19.94 -17.56
N LYS B 185 2.32 -19.17 -17.85
CA LYS B 185 2.56 -18.59 -19.18
C LYS B 185 1.34 -17.80 -19.67
N PHE B 186 0.70 -17.08 -18.73
CA PHE B 186 -0.52 -16.38 -19.07
C PHE B 186 -0.36 -15.35 -20.19
N VAL B 187 0.66 -14.49 -20.09
CA VAL B 187 0.83 -13.42 -21.11
C VAL B 187 1.12 -14.06 -22.48
N ALA B 188 2.05 -15.00 -22.51
CA ALA B 188 2.42 -15.69 -23.76
C ALA B 188 1.26 -16.44 -24.42
N THR B 189 0.45 -17.11 -23.61
CA THR B 189 -0.62 -17.99 -24.10
C THR B 189 -1.88 -17.21 -24.48
N TYR B 190 -2.23 -16.19 -23.71
CA TYR B 190 -3.52 -15.49 -23.89
C TYR B 190 -3.40 -14.10 -24.49
N LEU B 191 -2.34 -13.39 -24.12
CA LEU B 191 -2.22 -12.01 -24.56
C LEU B 191 -1.53 -11.90 -25.91
N ASP B 192 -0.25 -12.25 -25.99
CA ASP B 192 0.46 -12.05 -27.26
C ASP B 192 0.36 -13.23 -28.26
N ALA B 193 -0.64 -14.09 -28.07
CA ALA B 193 -0.95 -15.18 -29.01
C ALA B 193 -2.10 -14.85 -29.97
N ALA B 194 -2.32 -15.72 -30.96
CA ALA B 194 -3.19 -15.43 -32.13
C ALA B 194 -4.54 -16.15 -32.15
N ASP B 195 -4.56 -17.41 -31.71
CA ASP B 195 -5.76 -18.25 -31.79
C ASP B 195 -6.68 -18.10 -30.57
N GLY B 196 -7.95 -18.43 -30.76
CA GLY B 196 -8.87 -18.55 -29.63
C GLY B 196 -9.77 -17.35 -29.33
N TRP B 197 -9.71 -16.31 -30.16
CA TRP B 197 -10.55 -15.11 -30.03
C TRP B 197 -11.85 -15.19 -30.82
N CYS B 198 -12.91 -14.61 -30.25
CA CYS B 198 -14.20 -14.60 -30.90
C CYS B 198 -15.02 -13.39 -30.44
N LYS B 199 -16.01 -13.03 -31.25
CA LYS B 199 -16.97 -12.01 -30.88
C LYS B 199 -18.27 -12.71 -30.48
N ASN B 200 -19.15 -11.95 -29.83
CA ASN B 200 -20.42 -12.51 -29.37
C ASN B 200 -20.21 -13.70 -28.42
N TRP B 201 -19.13 -13.62 -27.66
CA TRP B 201 -18.85 -14.62 -26.64
C TRP B 201 -19.99 -14.61 -25.62
N LYS B 202 -20.39 -15.81 -25.18
CA LYS B 202 -21.47 -15.95 -24.20
C LYS B 202 -20.99 -16.62 -22.92
N PHE B 203 -21.32 -16.02 -21.78
CA PHE B 203 -21.01 -16.61 -20.48
C PHE B 203 -21.73 -17.95 -20.29
N ASN B 204 -21.01 -18.93 -19.77
CA ASN B 204 -21.59 -20.21 -19.36
C ASN B 204 -20.91 -20.76 -18.11
N ALA B 205 -21.61 -20.69 -16.98
CA ALA B 205 -21.06 -21.13 -15.67
C ALA B 205 -20.61 -22.59 -15.70
N ASP B 206 -21.22 -23.37 -16.58
CA ASP B 206 -20.88 -24.80 -16.75
C ASP B 206 -19.46 -25.00 -17.25
N LYS B 207 -18.91 -23.98 -17.92
CA LYS B 207 -17.56 -24.07 -18.47
C LYS B 207 -16.47 -23.67 -17.48
N ILE B 208 -16.86 -23.39 -16.24
CA ILE B 208 -15.91 -23.07 -15.18
C ILE B 208 -15.81 -24.29 -14.26
N SER B 209 -14.60 -24.62 -13.80
CA SER B 209 -14.43 -25.77 -12.89
C SER B 209 -14.83 -25.37 -11.46
N TRP B 210 -15.81 -26.07 -10.89
CA TRP B 210 -16.34 -25.73 -9.55
C TRP B 210 -15.90 -26.64 -8.40
N GLY B 211 -15.31 -27.79 -8.73
CA GLY B 211 -14.99 -28.80 -7.71
C GLY B 211 -16.19 -29.07 -6.84
N SER B 212 -16.01 -28.96 -5.53
CA SER B 212 -17.10 -29.27 -4.61
C SER B 212 -18.01 -28.09 -4.32
N PHE B 213 -17.70 -26.91 -4.91
CA PHE B 213 -18.59 -25.74 -4.83
C PHE B 213 -19.85 -25.96 -5.64
N THR B 214 -20.94 -25.33 -5.19
CA THR B 214 -22.14 -25.15 -6.00
C THR B 214 -22.37 -23.65 -6.16
N LEU B 215 -22.38 -23.20 -7.41
CA LEU B 215 -22.66 -21.81 -7.72
C LEU B 215 -24.13 -21.45 -7.55
N VAL B 216 -24.40 -20.46 -6.72
CA VAL B 216 -25.76 -19.94 -6.52
C VAL B 216 -25.95 -18.68 -7.35
N GLU C 1 17.28 -5.88 25.32
CA GLU C 1 18.73 -5.78 25.66
C GLU C 1 19.46 -4.74 24.82
N THR C 2 20.40 -5.14 23.96
CA THR C 2 21.20 -4.16 23.21
C THR C 2 20.57 -3.70 21.91
N VAL C 3 20.37 -2.38 21.80
CA VAL C 3 19.68 -1.79 20.65
C VAL C 3 20.50 -0.65 20.08
N ARG C 4 20.26 -0.33 18.81
CA ARG C 4 20.89 0.83 18.19
C ARG C 4 19.87 1.56 17.33
N PHE C 5 20.09 2.86 17.17
CA PHE C 5 19.29 3.63 16.20
C PHE C 5 19.49 3.10 14.79
N GLN C 6 18.40 2.95 14.04
CA GLN C 6 18.49 2.34 12.71
C GLN C 6 18.85 3.35 11.64
N SER C 7 20.08 3.83 11.77
CA SER C 7 20.61 4.91 10.96
C SER C 7 22.13 4.82 10.93
N GLU D 1 -19.08 -25.26 -0.02
CA GLU D 1 -20.35 -25.69 -0.70
C GLU D 1 -20.94 -24.58 -1.58
N THR D 2 -21.88 -23.79 -1.06
CA THR D 2 -22.59 -22.80 -1.87
C THR D 2 -21.85 -21.46 -1.92
N VAL D 3 -21.57 -21.00 -3.14
CA VAL D 3 -20.82 -19.76 -3.36
C VAL D 3 -21.52 -18.85 -4.35
N ARG D 4 -21.16 -17.57 -4.34
CA ARG D 4 -21.66 -16.67 -5.37
C ARG D 4 -20.54 -15.76 -5.85
N PHE D 5 -20.67 -15.27 -7.07
CA PHE D 5 -19.80 -14.19 -7.52
C PHE D 5 -20.11 -12.96 -6.66
N GLN D 6 -19.05 -12.31 -6.17
CA GLN D 6 -19.25 -11.23 -5.23
C GLN D 6 -19.47 -9.90 -5.94
N SER D 7 -20.56 -9.85 -6.70
CA SER D 7 -20.85 -8.71 -7.57
C SER D 7 -22.34 -8.35 -7.55
N ASP D 8 -22.97 -8.49 -6.39
CA ASP D 8 -24.40 -8.28 -6.23
C ASP D 8 -24.74 -6.90 -5.63
#